data_9DGM
#
_entry.id   9DGM
#
_cell.length_a   167.490
_cell.length_b   167.490
_cell.length_c   78.099
_cell.angle_alpha   90.000
_cell.angle_beta   90.000
_cell.angle_gamma   120.000
#
_symmetry.space_group_name_H-M   'H 3'
#
loop_
_entity.id
_entity.type
_entity.pdbx_description
1 polymer "DNA (5'-D(*CP*AP*GP*CP*AP*GP*CP*CP*TP*GP*AP*AP*TP*AP*CP*T)-3')"
2 polymer "DNA (5'-D(P*GP*GP*CP*TP*GP*C)-3')"
3 polymer 'DNA (58-MER)'
4 polymer "DNA (5'-D(*TP*GP*CP*GP*CP*TP*GP*T)-3')"
#
loop_
_entity_poly.entity_id
_entity_poly.type
_entity_poly.pdbx_seq_one_letter_code
_entity_poly.pdbx_strand_id
1 'polydeoxyribonucleotide' (DC)(DA)(DG)(DC)(DA)(DG)(DC)(DC)(DT)(DG)(DA)(DA)(DT)(DA)(DC)(DT) A
2 'polydeoxyribonucleotide' (DG)(DG)(DC)(DT)(DG)(DC) B
3 'polydeoxyribonucleotide'
;(DC)(DT)(DG)(DC)(DG)(DA)(DG)(DT)(DA)(DT)(DT)(DC)(DA)(DC)(DC)(DG)(DG)(DC)(DC)(DG)
(DC)(DG)(DG)(DA)(DC)(DA)(DA)(DC)(DT)(DT)(DT)(DT)(DG)(DT)(DT)(DG)(DT)(DC)(DC)(DG)
(DC)(DG)(DG)(DC)(DG)(DC)(DA)(DG)(DC)(DC)(DG)(DG)(DA)(DC)(DA)(DG)(DC)(DG)
;
C
4 'polydeoxyribonucleotide' (DT)(DG)(DC)(DG)(DC)(DT)(DG)(DT) E
#